data_8DQU
#
_entry.id   8DQU
#
_cell.length_a   165.025
_cell.length_b   165.025
_cell.length_c   46.002
_cell.angle_alpha   90.000
_cell.angle_beta   90.000
_cell.angle_gamma   120.000
#
_symmetry.space_group_name_H-M   'P 6'
#
loop_
_entity.id
_entity.type
_entity.pdbx_description
1 polymer Nanobody
2 polymer 'Non-structural protein 9'
3 water water
#
loop_
_entity_poly.entity_id
_entity_poly.type
_entity_poly.pdbx_seq_one_letter_code
_entity_poly.pdbx_strand_id
1 'polypeptide(L)'
;MQVQLQESGGGLVQPGGSLRLSCAASGLAFSMYTMGWFRQAPGKEREFVAMIISSGDSTDYADSVKGRFTISRDNGKNTV
YLQMDSLKPEDTAVYYCAAPKFRYYFSTSPGDFDSWGQGTQVTVSSAAAYPYDVPDYGSHHHHHH
;
A,B
2 'polypeptide(L)'
;NNELSPVALRQMSCAAGTTQTACTDDNALAYYNTTKGGRFVLALLSDLQDLKWARFPKSDGTGTIYTELEPPCRFVTDTP
KGPKVKYLYFIKGLNNLNRGMVLGSLAATVRLQ
;
C,F
#
# COMPACT_ATOMS: atom_id res chain seq x y z
N MET A 1 -14.73 27.01 -10.08
CA MET A 1 -13.97 28.14 -10.62
C MET A 1 -12.58 27.70 -11.08
N GLN A 2 -12.16 28.21 -12.23
CA GLN A 2 -10.88 27.82 -12.83
C GLN A 2 -9.66 28.42 -12.16
N VAL A 3 -8.58 27.65 -12.13
CA VAL A 3 -7.35 28.13 -11.53
C VAL A 3 -6.56 28.88 -12.59
N GLN A 4 -6.11 30.07 -12.22
CA GLN A 4 -5.32 30.87 -13.16
C GLN A 4 -3.99 31.25 -12.53
N LEU A 5 -2.96 31.18 -13.36
CA LEU A 5 -1.61 31.45 -12.86
C LEU A 5 -0.96 32.49 -13.74
N GLN A 6 -0.52 33.55 -13.06
CA GLN A 6 0.11 34.70 -13.70
C GLN A 6 1.59 34.75 -13.30
N GLU A 7 2.46 34.39 -14.23
CA GLU A 7 3.90 34.34 -13.99
C GLU A 7 4.56 35.62 -14.50
N SER A 8 5.62 36.02 -13.79
CA SER A 8 6.39 37.19 -14.16
C SER A 8 7.78 37.07 -13.56
N GLY A 9 8.65 38.00 -13.95
CA GLY A 9 9.96 38.16 -13.35
C GLY A 9 11.11 37.77 -14.24
N GLY A 10 10.84 37.18 -15.39
CA GLY A 10 11.90 36.74 -16.26
C GLY A 10 12.51 37.90 -17.02
N GLY A 11 13.54 37.59 -17.78
CA GLY A 11 14.21 38.59 -18.56
C GLY A 11 15.52 38.12 -19.13
N LEU A 12 16.32 39.06 -19.59
CA LEU A 12 17.61 38.80 -20.17
C LEU A 12 18.61 39.21 -19.12
N VAL A 13 19.56 38.35 -18.80
CA VAL A 13 20.53 38.68 -17.77
C VAL A 13 21.85 38.03 -18.07
N GLN A 14 22.94 38.47 -17.43
CA GLN A 14 24.23 37.90 -17.80
C GLN A 14 24.63 36.80 -16.83
N PRO A 15 25.49 35.87 -17.25
CA PRO A 15 25.85 34.74 -16.38
C PRO A 15 26.36 35.23 -15.03
N GLY A 16 26.01 34.51 -13.97
CA GLY A 16 26.36 34.91 -12.63
C GLY A 16 25.37 35.84 -11.97
N GLY A 17 24.49 36.48 -12.74
CA GLY A 17 23.48 37.36 -12.20
C GLY A 17 22.33 36.58 -11.56
N SER A 18 21.29 37.32 -11.22
CA SER A 18 20.13 36.79 -10.57
C SER A 18 18.84 37.27 -11.16
N LEU A 19 17.76 36.63 -10.79
CA LEU A 19 16.44 37.00 -11.24
C LEU A 19 15.49 36.52 -10.20
N ARG A 20 14.25 36.94 -10.28
CA ARG A 20 13.27 36.49 -9.32
C ARG A 20 11.92 36.31 -9.93
N LEU A 21 11.51 35.07 -10.05
CA LEU A 21 10.21 34.78 -10.67
C LEU A 21 9.12 34.87 -9.62
N SER A 22 7.94 35.26 -10.08
CA SER A 22 6.77 35.37 -9.24
C SER A 22 5.59 34.73 -9.91
N CYS A 23 4.68 34.18 -9.14
CA CYS A 23 3.49 33.58 -9.69
C CYS A 23 2.35 33.88 -8.76
N ALA A 24 1.35 34.55 -9.28
CA ALA A 24 0.11 34.80 -8.56
C ALA A 24 -0.92 33.77 -8.99
N ALA A 25 -1.42 32.99 -8.04
CA ALA A 25 -2.38 31.94 -8.34
C ALA A 25 -3.77 32.42 -7.95
N SER A 26 -4.69 32.43 -8.91
CA SER A 26 -6.09 32.79 -8.70
C SER A 26 -6.93 31.52 -8.73
N GLY A 27 -7.89 31.44 -7.82
CA GLY A 27 -8.97 30.49 -7.92
C GLY A 27 -8.76 29.15 -7.24
N LEU A 28 -7.93 29.08 -6.20
CA LEU A 28 -7.75 27.79 -5.53
C LEU A 28 -7.40 28.01 -4.07
N ALA A 29 -7.77 27.03 -3.23
CA ALA A 29 -7.48 27.08 -1.81
C ALA A 29 -5.97 26.91 -1.60
N PHE A 30 -5.26 27.99 -1.91
CA PHE A 30 -3.81 27.97 -2.14
C PHE A 30 -3.00 27.35 -1.01
N SER A 31 -3.36 27.64 0.24
CA SER A 31 -2.50 27.19 1.32
C SER A 31 -2.58 25.70 1.58
N MET A 32 -3.35 24.98 0.79
CA MET A 32 -3.46 23.54 0.96
C MET A 32 -2.77 22.80 -0.17
N TYR A 33 -2.10 23.52 -1.03
CA TYR A 33 -1.42 22.94 -2.19
C TYR A 33 0.10 23.05 -2.04
N THR A 34 0.78 22.06 -2.58
CA THR A 34 2.20 22.06 -2.67
C THR A 34 2.34 22.69 -4.03
N MET A 35 3.19 23.69 -4.16
CA MET A 35 3.39 24.38 -5.42
C MET A 35 4.83 24.20 -5.88
N GLY A 36 5.06 24.43 -7.17
CA GLY A 36 6.41 24.24 -7.66
C GLY A 36 6.61 24.85 -9.02
N TRP A 37 7.83 24.72 -9.52
CA TRP A 37 8.26 25.34 -10.76
C TRP A 37 8.85 24.27 -11.66
N PHE A 38 8.61 24.42 -12.95
CA PHE A 38 9.21 23.59 -13.99
C PHE A 38 9.88 24.53 -14.97
N ARG A 39 10.68 23.98 -15.88
CA ARG A 39 11.30 24.82 -16.90
C ARG A 39 11.50 23.98 -18.15
N GLN A 40 11.41 24.63 -19.31
CA GLN A 40 11.57 23.92 -20.57
C GLN A 40 12.51 24.64 -21.51
N ALA A 41 13.77 24.19 -21.54
CA ALA A 41 14.76 24.79 -22.40
C ALA A 41 14.48 24.44 -23.85
N PRO A 42 14.90 25.29 -24.78
CA PRO A 42 14.64 25.04 -26.20
C PRO A 42 15.16 23.68 -26.64
N GLY A 43 14.28 22.89 -27.24
CA GLY A 43 14.60 21.57 -27.71
C GLY A 43 14.73 20.49 -26.65
N LYS A 44 14.54 20.84 -25.38
CA LYS A 44 14.64 19.85 -24.30
C LYS A 44 13.27 19.63 -23.68
N GLU A 45 13.09 18.55 -22.92
CA GLU A 45 11.79 18.33 -22.33
C GLU A 45 11.66 19.17 -21.06
N ARG A 46 10.40 19.46 -20.73
CA ARG A 46 10.09 20.19 -19.52
C ARG A 46 10.49 19.38 -18.30
N GLU A 47 11.24 20.01 -17.38
CA GLU A 47 11.74 19.31 -16.21
C GLU A 47 11.37 20.04 -14.93
N PHE A 48 11.30 19.26 -13.86
CA PHE A 48 11.08 19.78 -12.52
C PHE A 48 12.26 20.64 -12.07
N VAL A 49 11.95 21.75 -11.39
CA VAL A 49 12.94 22.66 -10.83
C VAL A 49 12.88 22.67 -9.30
N ALA A 50 11.72 22.96 -8.75
CA ALA A 50 11.60 23.01 -7.31
C ALA A 50 10.15 22.93 -6.87
N MET A 51 9.98 22.66 -5.59
CA MET A 51 8.66 22.56 -5.02
C MET A 51 8.64 23.00 -3.57
N ILE A 52 7.50 23.45 -3.09
CA ILE A 52 7.38 23.90 -1.72
C ILE A 52 6.09 23.39 -1.10
N ILE A 53 6.16 22.89 0.11
CA ILE A 53 4.99 22.36 0.77
C ILE A 53 3.92 23.41 1.07
N SER A 54 2.70 22.98 1.29
CA SER A 54 1.60 23.91 1.51
C SER A 54 1.96 24.95 2.56
N SER A 55 2.52 24.50 3.68
CA SER A 55 2.80 25.37 4.82
C SER A 55 4.02 26.26 4.62
N GLY A 56 4.83 26.01 3.60
CA GLY A 56 5.92 26.91 3.28
C GLY A 56 7.24 26.60 3.94
N ASP A 57 7.32 25.60 4.81
CA ASP A 57 8.53 25.41 5.60
C ASP A 57 9.26 24.11 5.26
N SER A 58 9.11 23.66 4.04
CA SER A 58 10.02 22.66 3.55
C SER A 58 9.91 22.62 2.05
N THR A 59 11.06 22.28 1.50
CA THR A 59 11.25 22.41 0.07
C THR A 59 12.05 21.30 -0.55
N ASP A 60 12.06 21.25 -1.88
CA ASP A 60 12.82 20.28 -2.63
C ASP A 60 13.20 20.90 -3.94
N TYR A 61 14.36 20.53 -4.44
CA TYR A 61 14.95 21.09 -5.65
C TYR A 61 15.53 20.00 -6.53
N ALA A 62 15.46 20.25 -7.83
CA ALA A 62 16.24 19.44 -8.74
C ALA A 62 17.70 19.61 -8.41
N ASP A 63 18.49 18.59 -8.71
CA ASP A 63 19.92 18.65 -8.39
C ASP A 63 20.62 19.76 -9.16
N SER A 64 20.15 20.07 -10.36
CA SER A 64 20.88 21.01 -11.20
C SER A 64 20.82 22.43 -10.68
N VAL A 65 19.92 22.74 -9.74
CA VAL A 65 19.72 24.10 -9.24
C VAL A 65 19.94 24.18 -7.73
N LYS A 66 20.20 23.05 -7.07
CA LYS A 66 20.41 23.06 -5.63
C LYS A 66 21.51 24.06 -5.27
N GLY A 67 21.34 24.77 -4.16
CA GLY A 67 22.33 25.74 -3.75
C GLY A 67 22.28 27.08 -4.46
N ARG A 68 21.60 27.18 -5.60
CA ARG A 68 21.51 28.43 -6.33
C ARG A 68 20.10 29.02 -6.36
N PHE A 69 19.07 28.20 -6.40
CA PHE A 69 17.68 28.64 -6.43
C PHE A 69 17.06 28.51 -5.05
N THR A 70 16.08 29.36 -4.77
CA THR A 70 15.32 29.31 -3.52
C THR A 70 13.85 29.51 -3.86
N ILE A 71 13.04 28.57 -3.47
CA ILE A 71 11.61 28.70 -3.68
C ILE A 71 10.98 29.15 -2.38
N SER A 72 9.97 30.01 -2.49
CA SER A 72 9.26 30.48 -1.31
C SER A 72 7.82 30.77 -1.72
N ARG A 73 6.98 31.03 -0.74
CA ARG A 73 5.59 31.32 -1.02
C ARG A 73 5.00 32.28 -0.01
N ASP A 74 3.87 32.86 -0.32
CA ASP A 74 3.17 33.77 0.58
C ASP A 74 1.74 33.36 0.57
N ASN A 75 1.31 32.69 1.62
CA ASN A 75 -0.04 32.19 1.70
C ASN A 75 -1.13 33.21 1.77
N GLY A 76 -0.81 34.41 2.19
CA GLY A 76 -1.81 35.47 2.18
C GLY A 76 -2.08 36.01 0.79
N LYS A 77 -1.03 36.29 0.02
CA LYS A 77 -1.21 36.79 -1.32
C LYS A 77 -1.39 35.70 -2.38
N ASN A 78 -1.32 34.43 -2.01
CA ASN A 78 -1.40 33.30 -2.96
C ASN A 78 -0.35 33.42 -4.06
N THR A 79 0.89 33.61 -3.64
CA THR A 79 1.97 33.80 -4.61
C THR A 79 3.11 32.85 -4.29
N VAL A 80 3.76 32.38 -5.34
CA VAL A 80 4.96 31.57 -5.24
C VAL A 80 6.09 32.35 -5.90
N TYR A 81 7.30 32.15 -5.40
CA TYR A 81 8.45 32.85 -5.93
C TYR A 81 9.61 31.88 -6.11
N LEU A 82 10.48 32.24 -7.06
CA LEU A 82 11.71 31.50 -7.34
C LEU A 82 12.85 32.52 -7.42
N GLN A 83 13.73 32.48 -6.42
CA GLN A 83 14.92 33.32 -6.39
C GLN A 83 15.99 32.49 -7.10
N MET A 84 16.56 33.04 -8.17
CA MET A 84 17.56 32.34 -8.97
C MET A 84 18.89 33.08 -8.87
N ASP A 85 19.88 32.49 -8.20
CA ASP A 85 21.17 33.18 -8.17
C ASP A 85 22.22 32.33 -8.89
N SER A 86 23.35 32.97 -9.18
CA SER A 86 24.48 32.32 -9.86
C SER A 86 24.04 31.67 -11.17
N LEU A 87 23.34 32.45 -11.99
CA LEU A 87 22.75 31.90 -13.19
C LEU A 87 23.82 31.47 -14.19
N LYS A 88 23.55 30.34 -14.83
CA LYS A 88 24.37 29.77 -15.90
C LYS A 88 23.59 29.77 -17.20
N PRO A 89 24.27 29.68 -18.34
CA PRO A 89 23.53 29.62 -19.60
C PRO A 89 22.57 28.46 -19.79
N GLU A 90 22.86 27.34 -19.15
CA GLU A 90 21.99 26.20 -19.23
C GLU A 90 20.70 26.41 -18.45
N ASP A 91 20.62 27.53 -17.73
CA ASP A 91 19.42 27.93 -17.01
C ASP A 91 18.43 28.62 -17.95
N THR A 92 18.81 28.86 -19.20
CA THR A 92 17.90 29.46 -20.16
C THR A 92 16.75 28.52 -20.47
N ALA A 93 15.53 29.02 -20.31
CA ALA A 93 14.33 28.21 -20.49
C ALA A 93 13.13 29.12 -20.28
N VAL A 94 11.96 28.60 -20.64
CA VAL A 94 10.71 29.18 -20.19
C VAL A 94 10.38 28.53 -18.86
N TYR A 95 10.07 29.33 -17.87
CA TYR A 95 9.78 28.84 -16.56
C TYR A 95 8.31 28.83 -16.32
N TYR A 96 7.81 27.76 -15.74
CA TYR A 96 6.39 27.59 -15.51
C TYR A 96 6.13 27.31 -14.04
N CYS A 97 5.17 28.01 -13.47
CA CYS A 97 4.73 27.78 -12.14
C CYS A 97 3.69 26.69 -12.28
N ALA A 98 3.63 25.77 -11.34
CA ALA A 98 2.70 24.67 -11.44
C ALA A 98 1.86 24.39 -10.24
N ALA A 99 0.58 24.22 -10.47
CA ALA A 99 -0.38 23.95 -9.42
C ALA A 99 -0.94 22.57 -9.67
N PRO A 100 -0.85 21.64 -8.73
CA PRO A 100 -1.30 20.27 -8.99
C PRO A 100 -2.82 20.20 -8.93
N LYS A 101 -3.34 19.04 -9.34
CA LYS A 101 -4.78 18.82 -9.37
C LYS A 101 -5.37 18.66 -7.97
N PHE A 102 -4.62 18.10 -7.04
CA PHE A 102 -5.19 17.87 -5.72
C PHE A 102 -4.43 18.56 -4.61
N ARG A 103 -5.01 18.56 -3.42
CA ARG A 103 -4.33 19.22 -2.31
C ARG A 103 -3.39 18.31 -1.51
N TYR A 104 -2.24 18.87 -1.15
CA TYR A 104 -1.22 18.17 -0.35
C TYR A 104 -0.45 17.14 -1.18
N TYR A 105 -0.27 17.44 -2.45
CA TYR A 105 0.41 16.53 -3.31
C TYR A 105 1.09 17.21 -4.48
N PHE A 106 2.15 16.60 -4.98
CA PHE A 106 2.88 17.16 -6.11
C PHE A 106 3.46 16.02 -6.94
N SER A 107 3.63 16.25 -8.22
CA SER A 107 4.27 15.28 -9.07
C SER A 107 5.42 15.95 -9.80
N THR A 108 6.50 15.24 -10.04
CA THR A 108 7.58 15.81 -10.81
C THR A 108 7.35 15.57 -12.27
N SER A 109 6.21 14.98 -12.60
CA SER A 109 5.91 14.66 -13.99
C SER A 109 5.02 15.75 -14.60
N PRO A 110 5.51 16.56 -15.53
CA PRO A 110 4.66 17.64 -16.07
C PRO A 110 3.40 17.13 -16.73
N GLY A 111 3.36 15.86 -17.12
CA GLY A 111 2.13 15.30 -17.64
C GLY A 111 1.03 15.19 -16.60
N ASP A 112 1.33 15.31 -15.33
CA ASP A 112 0.29 15.19 -14.32
C ASP A 112 -0.34 16.52 -13.93
N PHE A 113 -0.08 17.54 -14.71
CA PHE A 113 -0.63 18.88 -14.47
C PHE A 113 -1.55 19.28 -15.61
N ASP A 114 -2.62 20.03 -15.33
CA ASP A 114 -3.32 20.68 -16.43
C ASP A 114 -3.53 22.19 -16.26
N SER A 115 -3.16 22.78 -15.13
CA SER A 115 -3.23 24.23 -14.95
C SER A 115 -1.84 24.81 -15.19
N TRP A 116 -1.53 25.12 -16.45
CA TRP A 116 -0.27 25.77 -16.81
C TRP A 116 -0.56 27.22 -17.20
N GLY A 117 0.25 28.13 -16.65
CA GLY A 117 0.28 29.49 -17.12
C GLY A 117 1.00 29.59 -18.46
N GLN A 118 1.23 30.84 -18.89
CA GLN A 118 1.92 31.10 -20.14
C GLN A 118 3.44 31.01 -20.02
N GLY A 119 3.90 31.06 -18.78
CA GLY A 119 5.31 30.99 -18.51
C GLY A 119 6.01 32.33 -18.61
N THR A 120 7.28 32.35 -18.26
CA THR A 120 8.04 33.57 -18.33
C THR A 120 9.43 33.20 -18.77
N GLN A 121 9.94 33.88 -19.78
CA GLN A 121 11.25 33.56 -20.31
C GLN A 121 12.46 33.99 -19.52
N VAL A 122 13.39 33.08 -19.35
CA VAL A 122 14.67 33.41 -18.73
C VAL A 122 15.76 33.14 -19.75
N THR A 123 16.57 34.17 -19.98
CA THR A 123 17.70 34.13 -20.90
C THR A 123 18.96 34.55 -20.13
N VAL A 124 19.94 33.66 -20.11
CA VAL A 124 21.20 33.86 -19.42
C VAL A 124 22.27 33.95 -20.50
N SER A 125 22.72 35.14 -20.90
CA SER A 125 23.65 35.23 -22.02
C SER A 125 24.63 36.38 -21.82
N SER A 126 25.54 36.52 -22.80
CA SER A 126 26.52 37.60 -22.77
C SER A 126 25.85 38.95 -22.97
N ALA A 127 24.89 39.02 -23.88
CA ALA A 127 24.13 40.25 -24.10
C ALA A 127 23.20 40.52 -22.91
N GLN B 2 11.75 -30.43 5.66
CA GLN B 2 11.99 -30.28 7.08
C GLN B 2 10.73 -29.89 7.78
N VAL B 3 9.66 -29.76 7.04
CA VAL B 3 8.39 -29.42 7.62
C VAL B 3 7.52 -30.57 7.17
N GLN B 4 7.01 -31.33 8.13
CA GLN B 4 6.19 -32.47 7.81
C GLN B 4 4.79 -32.43 8.37
N LEU B 5 3.87 -32.91 7.55
CA LEU B 5 2.49 -32.94 7.91
C LEU B 5 1.89 -34.31 7.77
N GLN B 6 1.43 -34.84 8.88
CA GLN B 6 0.79 -36.15 8.97
C GLN B 6 -0.69 -35.93 9.18
N GLU B 7 -1.52 -36.40 8.26
CA GLU B 7 -2.94 -36.17 8.42
C GLU B 7 -3.57 -37.51 8.76
N SER B 8 -4.71 -37.44 9.45
CA SER B 8 -5.48 -38.64 9.75
C SER B 8 -6.91 -38.23 10.08
N GLY B 9 -7.75 -39.24 10.27
CA GLY B 9 -9.14 -39.07 10.66
C GLY B 9 -10.13 -39.40 9.57
N GLY B 10 -9.67 -39.69 8.37
CA GLY B 10 -10.58 -39.91 7.27
C GLY B 10 -11.19 -41.29 7.29
N GLY B 11 -12.15 -41.49 6.41
CA GLY B 11 -12.81 -42.74 6.29
C GLY B 11 -14.02 -42.69 5.41
N LEU B 12 -14.85 -43.69 5.53
CA LEU B 12 -16.07 -43.81 4.75
C LEU B 12 -17.25 -43.76 5.72
N VAL B 13 -18.13 -42.80 5.53
CA VAL B 13 -19.25 -42.62 6.40
C VAL B 13 -20.50 -42.43 5.59
N GLN B 14 -21.65 -42.31 6.24
CA GLN B 14 -22.88 -42.14 5.49
C GLN B 14 -23.37 -40.72 5.55
N PRO B 15 -24.01 -40.26 4.50
CA PRO B 15 -24.44 -38.86 4.50
C PRO B 15 -25.13 -38.52 5.80
N GLY B 16 -24.87 -37.31 6.28
CA GLY B 16 -25.34 -36.87 7.58
C GLY B 16 -24.42 -37.20 8.73
N GLY B 17 -23.49 -38.12 8.55
CA GLY B 17 -22.53 -38.45 9.58
C GLY B 17 -21.44 -37.41 9.72
N SER B 18 -20.54 -37.65 10.66
CA SER B 18 -19.48 -36.74 10.95
C SER B 18 -18.13 -37.39 10.93
N LEU B 19 -17.09 -36.58 10.95
CA LEU B 19 -15.74 -37.08 10.96
C LEU B 19 -14.88 -36.02 11.55
N ARG B 20 -13.70 -36.37 12.01
CA ARG B 20 -12.81 -35.39 12.58
C ARG B 20 -11.44 -35.63 12.07
N LEU B 21 -10.95 -34.73 11.23
CA LEU B 21 -9.61 -34.92 10.71
C LEU B 21 -8.58 -34.27 11.61
N SER B 22 -7.38 -34.82 11.57
CA SER B 22 -6.29 -34.35 12.39
C SER B 22 -5.05 -34.16 11.53
N CYS B 23 -4.27 -33.16 11.90
CA CYS B 23 -2.98 -33.08 11.26
C CYS B 23 -1.98 -32.59 12.29
N ALA B 24 -0.97 -33.41 12.50
CA ALA B 24 0.09 -33.07 13.39
C ALA B 24 1.19 -32.50 12.52
N ALA B 25 1.69 -31.34 12.90
CA ALA B 25 2.72 -30.70 12.10
C ALA B 25 4.06 -30.80 12.75
N SER B 26 5.05 -31.15 11.95
CA SER B 26 6.38 -31.30 12.50
C SER B 26 7.46 -30.44 11.89
N GLY B 27 8.12 -29.65 12.71
CA GLY B 27 9.25 -28.89 12.22
C GLY B 27 9.02 -27.43 11.92
N LEU B 28 8.07 -26.79 12.58
CA LEU B 28 7.85 -25.38 12.34
C LEU B 28 7.30 -24.74 13.60
N ALA B 29 7.60 -23.46 13.75
CA ALA B 29 7.10 -22.67 14.87
C ALA B 29 5.60 -22.49 14.74
N PHE B 30 4.88 -23.58 15.02
CA PHE B 30 3.48 -23.75 14.68
C PHE B 30 2.60 -22.60 15.13
N SER B 31 2.82 -22.09 16.34
CA SER B 31 1.87 -21.12 16.87
C SER B 31 1.97 -19.75 16.22
N MET B 32 2.83 -19.60 15.22
CA MET B 32 2.93 -18.33 14.53
C MET B 32 2.41 -18.47 13.13
N TYR B 33 1.82 -19.59 12.80
CA TYR B 33 1.31 -19.79 11.46
C TYR B 33 -0.20 -19.86 11.48
N THR B 34 -0.79 -19.21 10.49
CA THR B 34 -2.16 -19.49 10.15
C THR B 34 -2.17 -20.82 9.44
N MET B 35 -3.04 -21.72 9.88
CA MET B 35 -3.14 -23.05 9.28
C MET B 35 -4.50 -23.21 8.64
N GLY B 36 -4.61 -24.18 7.74
CA GLY B 36 -5.89 -24.40 7.11
C GLY B 36 -5.94 -25.72 6.35
N TRP B 37 -7.11 -25.98 5.76
CA TRP B 37 -7.33 -27.23 5.06
C TRP B 37 -7.83 -26.99 3.66
N PHE B 38 -7.42 -27.88 2.78
CA PHE B 38 -7.81 -27.91 1.38
C PHE B 38 -8.37 -29.29 1.06
N ARG B 39 -9.13 -29.39 -0.01
CA ARG B 39 -9.68 -30.68 -0.41
C ARG B 39 -9.67 -30.81 -1.91
N GLN B 40 -9.57 -32.03 -2.40
CA GLN B 40 -9.46 -32.25 -3.83
C GLN B 40 -10.26 -33.43 -4.28
N ALA B 41 -11.45 -33.16 -4.83
CA ALA B 41 -12.30 -34.24 -5.31
C ALA B 41 -11.59 -34.98 -6.44
N PRO B 42 -12.28 -36.03 -7.02
CA PRO B 42 -11.55 -36.72 -8.11
C PRO B 42 -11.49 -35.86 -9.36
N GLY B 43 -10.29 -35.65 -9.91
CA GLY B 43 -10.14 -34.85 -11.10
C GLY B 43 -10.05 -33.35 -10.87
N LYS B 44 -11.03 -32.79 -10.16
CA LYS B 44 -11.08 -31.36 -9.86
C LYS B 44 -9.83 -30.92 -9.13
N GLU B 45 -9.59 -29.61 -9.10
CA GLU B 45 -8.40 -29.08 -8.44
C GLU B 45 -8.62 -28.75 -6.97
N ARG B 46 -7.57 -28.87 -6.17
CA ARG B 46 -7.66 -28.56 -4.75
C ARG B 46 -8.33 -27.21 -4.50
N GLU B 47 -9.23 -27.18 -3.53
CA GLU B 47 -9.97 -25.99 -3.15
C GLU B 47 -9.81 -25.73 -1.66
N PHE B 48 -9.95 -24.48 -1.29
CA PHE B 48 -9.87 -24.08 0.08
C PHE B 48 -11.10 -24.55 0.81
N VAL B 49 -10.88 -25.01 2.03
CA VAL B 49 -11.92 -25.50 2.94
C VAL B 49 -12.11 -24.54 4.11
N ALA B 50 -11.03 -24.32 4.84
CA ALA B 50 -11.08 -23.63 6.13
C ALA B 50 -9.69 -23.14 6.48
N MET B 51 -9.63 -22.10 7.31
CA MET B 51 -8.38 -21.55 7.80
C MET B 51 -8.59 -21.07 9.23
N ILE B 52 -7.54 -21.04 10.01
CA ILE B 52 -7.60 -20.62 11.41
C ILE B 52 -6.31 -19.88 11.74
N ILE B 53 -6.44 -18.73 12.37
CA ILE B 53 -5.26 -17.89 12.61
C ILE B 53 -4.37 -18.54 13.66
N SER B 54 -3.15 -18.01 13.79
CA SER B 54 -2.14 -18.57 14.66
C SER B 54 -2.64 -18.79 16.07
N SER B 55 -3.33 -17.80 16.63
CA SER B 55 -3.74 -17.87 18.03
C SER B 55 -4.91 -18.82 18.26
N GLY B 56 -5.60 -19.26 17.22
CA GLY B 56 -6.64 -20.24 17.36
C GLY B 56 -8.04 -19.72 17.56
N ASP B 57 -8.23 -18.40 17.64
CA ASP B 57 -9.53 -17.85 18.02
C ASP B 57 -10.20 -17.05 16.90
N SER B 58 -9.83 -17.26 15.65
CA SER B 58 -10.60 -16.73 14.54
C SER B 58 -10.39 -17.63 13.33
N THR B 59 -11.43 -17.74 12.49
CA THR B 59 -11.48 -18.77 11.47
C THR B 59 -12.19 -18.22 10.24
N ASP B 60 -12.08 -18.94 9.14
CA ASP B 60 -12.83 -18.63 7.94
C ASP B 60 -13.00 -19.89 7.13
N TYR B 61 -14.16 -20.02 6.47
CA TYR B 61 -14.58 -21.24 5.81
C TYR B 61 -15.02 -20.93 4.39
N ALA B 62 -14.82 -21.88 3.49
CA ALA B 62 -15.51 -21.82 2.20
C ALA B 62 -17.01 -21.80 2.44
N ASP B 63 -17.73 -21.22 1.50
CA ASP B 63 -19.16 -21.11 1.75
C ASP B 63 -19.83 -22.47 1.71
N SER B 64 -19.28 -23.46 0.98
CA SER B 64 -19.95 -24.74 0.89
C SER B 64 -19.89 -25.54 2.18
N VAL B 65 -19.05 -25.14 3.15
CA VAL B 65 -18.90 -25.87 4.40
C VAL B 65 -19.27 -25.02 5.60
N LYS B 66 -19.61 -23.76 5.38
CA LYS B 66 -19.99 -22.88 6.49
C LYS B 66 -21.15 -23.50 7.27
N GLY B 67 -21.11 -23.39 8.60
CA GLY B 67 -22.15 -23.96 9.42
C GLY B 67 -22.09 -25.45 9.64
N ARG B 68 -21.30 -26.17 8.84
CA ARG B 68 -21.16 -27.61 8.98
C ARG B 68 -19.79 -28.07 9.46
N PHE B 69 -18.75 -27.39 9.02
CA PHE B 69 -17.40 -27.73 9.41
C PHE B 69 -16.93 -26.78 10.51
N THR B 70 -15.94 -27.22 11.25
CA THR B 70 -15.36 -26.43 12.32
C THR B 70 -13.87 -26.73 12.39
N ILE B 71 -13.05 -25.71 12.21
CA ILE B 71 -11.60 -25.91 12.29
C ILE B 71 -11.14 -25.44 13.66
N SER B 72 -10.15 -26.14 14.20
CA SER B 72 -9.59 -25.78 15.50
C SER B 72 -8.13 -26.20 15.54
N ARG B 73 -7.44 -25.78 16.58
CA ARG B 73 -6.04 -26.07 16.69
C ARG B 73 -5.56 -26.22 18.11
N ASP B 74 -4.44 -26.89 18.28
CA ASP B 74 -3.88 -27.10 19.59
C ASP B 74 -2.44 -26.72 19.44
N ASN B 75 -2.08 -25.56 19.96
CA ASN B 75 -0.73 -25.08 19.82
C ASN B 75 0.25 -25.83 20.64
N GLY B 76 -0.26 -26.72 21.48
CA GLY B 76 0.57 -27.53 22.31
C GLY B 76 1.07 -28.68 21.49
N LYS B 77 0.16 -29.43 20.90
CA LYS B 77 0.57 -30.57 20.12
C LYS B 77 0.90 -30.25 18.72
N ASN B 78 0.84 -28.98 18.35
CA ASN B 78 1.12 -28.57 16.99
C ASN B 78 0.20 -29.34 16.04
N THR B 79 -1.08 -29.33 16.38
CA THR B 79 -2.06 -30.04 15.58
C THR B 79 -3.21 -29.11 15.25
N VAL B 80 -3.75 -29.29 14.07
CA VAL B 80 -4.98 -28.60 13.66
C VAL B 80 -6.02 -29.67 13.37
N TYR B 81 -7.29 -29.32 13.55
CA TYR B 81 -8.39 -30.28 13.42
C TYR B 81 -9.47 -29.74 12.49
N LEU B 82 -10.20 -30.65 11.90
CA LEU B 82 -11.30 -30.30 11.06
C LEU B 82 -12.48 -31.20 11.41
N GLN B 83 -13.42 -30.67 12.16
CA GLN B 83 -14.60 -31.40 12.55
C GLN B 83 -15.61 -31.27 11.44
N MET B 84 -16.03 -32.38 10.88
CA MET B 84 -16.97 -32.38 9.78
C MET B 84 -18.31 -32.96 10.12
N ASP B 85 -19.34 -32.14 10.13
CA ASP B 85 -20.68 -32.61 10.45
C ASP B 85 -21.59 -32.49 9.24
N SER B 86 -22.71 -33.21 9.29
CA SER B 86 -23.74 -33.11 8.25
C SER B 86 -23.14 -33.35 6.86
N LEU B 87 -22.40 -34.43 6.74
CA LEU B 87 -21.63 -34.69 5.53
C LEU B 87 -22.56 -35.03 4.37
N LYS B 88 -22.11 -34.54 3.21
CA LYS B 88 -22.74 -34.76 1.96
C LYS B 88 -21.80 -35.47 1.04
N PRO B 89 -22.39 -36.11 0.04
CA PRO B 89 -21.64 -36.85 -0.97
C PRO B 89 -20.70 -35.91 -1.68
N GLU B 90 -21.14 -34.67 -1.86
CA GLU B 90 -20.32 -33.69 -2.51
C GLU B 90 -19.02 -33.51 -1.74
N ASP B 91 -19.02 -33.87 -0.48
CA ASP B 91 -17.86 -33.70 0.38
C ASP B 91 -16.76 -34.71 0.15
N THR B 92 -17.02 -35.72 -0.63
CA THR B 92 -16.02 -36.71 -0.92
C THR B 92 -14.82 -36.10 -1.59
N ALA B 93 -13.63 -36.38 -1.10
CA ALA B 93 -12.42 -35.81 -1.66
C ALA B 93 -11.25 -36.17 -0.80
N VAL B 94 -10.06 -35.78 -1.19
CA VAL B 94 -8.90 -36.04 -0.36
C VAL B 94 -8.70 -34.74 0.37
N TYR B 95 -8.41 -34.82 1.66
CA TYR B 95 -8.24 -33.62 2.42
C TYR B 95 -6.81 -33.37 2.76
N TYR B 96 -6.39 -32.13 2.60
CA TYR B 96 -5.03 -31.75 2.85
C TYR B 96 -4.90 -30.65 3.87
N CYS B 97 -3.88 -30.78 4.70
CA CYS B 97 -3.53 -29.85 5.75
C CYS B 97 -2.53 -28.97 5.05
N ALA B 98 -2.60 -27.65 5.22
CA ALA B 98 -1.70 -26.77 4.51
C ALA B 98 -1.07 -25.80 5.48
N ALA B 99 0.25 -25.68 5.40
CA ALA B 99 1.04 -24.74 6.19
C ALA B 99 1.73 -23.78 5.25
N PRO B 100 1.52 -22.47 5.39
CA PRO B 100 2.11 -21.53 4.44
C PRO B 100 3.62 -21.31 4.59
N LYS B 101 4.19 -20.57 3.64
CA LYS B 101 5.64 -20.50 3.76
C LYS B 101 6.08 -19.42 4.75
N PHE B 102 5.20 -18.54 5.23
CA PHE B 102 5.60 -17.55 6.21
C PHE B 102 4.53 -17.38 7.27
N ARG B 103 4.90 -16.76 8.36
CA ARG B 103 4.01 -16.55 9.44
C ARG B 103 2.88 -15.59 9.26
N TYR B 104 1.84 -15.82 10.02
CA TYR B 104 0.72 -14.87 10.18
C TYR B 104 -0.01 -14.56 8.87
N TYR B 105 -0.03 -15.49 7.92
CA TYR B 105 -0.71 -15.20 6.66
C TYR B 105 -1.21 -16.52 6.08
N PHE B 106 -2.21 -16.41 5.22
CA PHE B 106 -2.72 -17.59 4.54
C PHE B 106 -3.19 -17.17 3.15
N SER B 107 -3.33 -18.15 2.27
CA SER B 107 -3.82 -17.90 0.94
C SER B 107 -4.73 -19.04 0.57
N THR B 108 -5.76 -18.78 -0.20
CA THR B 108 -6.65 -19.82 -0.60
C THR B 108 -6.26 -20.38 -1.93
N SER B 109 -5.04 -20.08 -2.35
CA SER B 109 -4.56 -20.56 -3.62
C SER B 109 -3.66 -21.72 -3.44
N PRO B 110 -4.10 -22.89 -3.88
CA PRO B 110 -3.31 -24.11 -3.75
C PRO B 110 -1.90 -23.95 -4.31
N GLY B 111 -1.72 -23.04 -5.26
CA GLY B 111 -0.42 -22.83 -5.84
C GLY B 111 0.56 -22.12 -4.93
N ASP B 112 0.07 -21.41 -3.92
CA ASP B 112 0.95 -20.66 -3.02
C ASP B 112 1.55 -21.52 -1.92
N PHE B 113 1.36 -22.84 -1.95
CA PHE B 113 1.81 -23.74 -0.90
C PHE B 113 2.86 -24.70 -1.43
N ASP B 114 3.81 -25.06 -0.56
CA ASP B 114 4.71 -26.17 -0.84
C ASP B 114 4.79 -27.21 0.27
N SER B 115 4.19 -26.95 1.44
CA SER B 115 4.12 -27.91 2.55
C SER B 115 2.76 -28.60 2.48
N TRP B 116 2.73 -29.71 1.78
CA TRP B 116 1.52 -30.47 1.64
C TRP B 116 1.64 -31.84 2.25
N GLY B 117 0.68 -32.22 3.08
CA GLY B 117 0.70 -33.58 3.57
C GLY B 117 0.41 -34.57 2.45
N GLN B 118 0.25 -35.82 2.85
CA GLN B 118 -0.08 -36.87 1.95
C GLN B 118 -1.58 -36.93 1.73
N GLY B 119 -2.33 -36.32 2.63
CA GLY B 119 -3.77 -36.32 2.54
C GLY B 119 -4.40 -37.46 3.32
N THR B 120 -5.72 -37.38 3.44
CA THR B 120 -6.54 -38.42 4.06
C THR B 120 -7.84 -38.48 3.27
N GLN B 121 -8.24 -39.69 2.89
CA GLN B 121 -9.41 -39.87 2.03
C GLN B 121 -10.69 -39.74 2.83
N VAL B 122 -11.66 -39.01 2.31
CA VAL B 122 -12.93 -38.90 2.95
C VAL B 122 -13.95 -39.31 1.92
N THR B 123 -14.69 -40.37 2.21
CA THR B 123 -15.70 -40.86 1.30
C THR B 123 -17.07 -40.86 1.96
N VAL B 124 -18.01 -40.10 1.41
CA VAL B 124 -19.32 -40.03 1.98
C VAL B 124 -20.22 -40.69 0.97
N SER B 125 -20.78 -41.83 1.32
CA SER B 125 -21.61 -42.58 0.40
C SER B 125 -22.57 -43.50 1.16
N SER B 126 -23.37 -44.25 0.39
CA SER B 126 -24.35 -45.15 0.97
C SER B 126 -23.69 -46.32 1.71
N ALA B 127 -22.62 -46.89 1.16
CA ALA B 127 -21.95 -48.01 1.82
C ALA B 127 -21.25 -47.56 3.11
N THR C 24 -4.87 12.74 15.08
CA THR C 24 -5.93 12.97 14.10
C THR C 24 -5.97 11.81 13.13
N ASP C 25 -6.85 11.92 12.14
CA ASP C 25 -6.94 10.89 11.10
C ASP C 25 -6.80 11.52 9.71
N ASP C 26 -6.35 10.69 8.77
CA ASP C 26 -6.15 11.04 7.38
C ASP C 26 -7.13 10.24 6.52
N ASN C 27 -6.87 10.19 5.21
CA ASN C 27 -7.79 9.59 4.26
C ASN C 27 -7.31 8.18 3.85
N ALA C 28 -8.12 7.55 3.00
CA ALA C 28 -8.06 6.14 2.72
C ALA C 28 -7.23 5.85 1.47
N LEU C 29 -6.52 4.72 1.51
CA LEU C 29 -5.73 4.24 0.40
C LEU C 29 -6.72 3.47 -0.47
N ALA C 30 -7.47 2.58 0.17
CA ALA C 30 -8.49 1.81 -0.52
C ALA C 30 -9.61 1.57 0.48
N TYR C 31 -10.77 1.22 -0.03
CA TYR C 31 -11.90 0.97 0.84
C TYR C 31 -12.08 -0.52 1.01
N TYR C 32 -12.42 -0.92 2.22
CA TYR C 32 -12.55 -2.34 2.54
C TYR C 32 -14.02 -2.71 2.61
N ASN C 33 -14.43 -3.51 1.63
CA ASN C 33 -15.85 -3.81 1.46
C ASN C 33 -16.43 -4.71 2.56
N THR C 34 -15.57 -5.20 3.44
CA THR C 34 -15.99 -6.14 4.48
C THR C 34 -16.52 -5.60 5.78
N THR C 35 -15.80 -4.68 6.39
CA THR C 35 -16.21 -4.11 7.66
C THR C 35 -17.14 -2.91 7.44
N LYS C 36 -17.63 -2.35 8.55
CA LYS C 36 -18.47 -1.16 8.49
C LYS C 36 -17.58 0.07 8.53
N GLY C 37 -17.80 0.97 7.58
CA GLY C 37 -16.97 2.16 7.45
C GLY C 37 -15.49 1.80 7.43
N GLY C 38 -15.13 0.78 6.65
CA GLY C 38 -13.81 0.21 6.69
C GLY C 38 -12.94 0.74 5.59
N ARG C 39 -11.74 1.19 5.97
CA ARG C 39 -10.79 1.71 5.00
C ARG C 39 -9.41 1.23 5.37
N PHE C 40 -8.61 0.97 4.34
CA PHE C 40 -7.18 0.74 4.53
C PHE C 40 -6.46 2.08 4.51
N VAL C 41 -5.66 2.30 5.54
CA VAL C 41 -4.82 3.49 5.61
C VAL C 41 -3.38 3.07 5.36
N LEU C 42 -2.60 4.00 4.83
CA LEU C 42 -1.18 3.84 4.55
C LEU C 42 -0.40 4.83 5.40
N ALA C 43 0.64 4.34 6.04
CA ALA C 43 1.48 5.16 6.90
C ALA C 43 2.93 4.84 6.62
N LEU C 44 3.80 5.73 7.08
CA LEU C 44 5.23 5.59 6.90
C LEU C 44 5.95 5.52 8.24
N LEU C 45 6.88 4.58 8.34
CA LEU C 45 7.66 4.36 9.55
C LEU C 45 9.11 4.71 9.26
N SER C 46 9.69 5.59 10.08
CA SER C 46 11.08 5.97 9.94
C SER C 46 11.68 6.30 11.31
N ASP C 47 13.00 6.36 11.36
CA ASP C 47 13.70 6.65 12.61
C ASP C 47 13.78 8.14 12.95
N LEU C 48 13.53 9.00 11.97
CA LEU C 48 13.58 10.44 12.20
C LEU C 48 12.19 11.05 12.39
N GLN C 49 12.10 12.05 13.25
CA GLN C 49 10.83 12.72 13.51
C GLN C 49 10.60 14.08 12.86
N ASP C 50 11.33 14.40 11.81
CA ASP C 50 11.16 15.68 11.15
C ASP C 50 10.51 15.60 9.77
N LEU C 51 10.29 14.40 9.26
CA LEU C 51 9.73 14.22 7.93
C LEU C 51 8.53 15.09 7.59
N LYS C 52 8.44 15.45 6.31
CA LYS C 52 7.37 16.30 5.81
C LYS C 52 6.67 15.77 4.58
N TRP C 53 7.41 15.12 3.68
CA TRP C 53 6.76 14.53 2.53
C TRP C 53 7.25 13.12 2.28
N ALA C 54 6.47 12.34 1.57
CA ALA C 54 6.85 10.99 1.26
C ALA C 54 7.07 10.96 -0.22
N ARG C 55 7.93 10.09 -0.69
CA ARG C 55 8.21 10.00 -2.11
C ARG C 55 7.72 8.71 -2.73
N PHE C 56 7.18 8.81 -3.94
CA PHE C 56 6.66 7.67 -4.69
C PHE C 56 7.04 7.63 -6.17
N PRO C 57 8.21 6.96 -6.46
CA PRO C 57 8.56 6.92 -7.88
C PRO C 57 7.43 6.31 -8.66
N LYS C 58 6.99 6.94 -9.72
CA LYS C 58 5.90 6.40 -10.52
C LYS C 58 6.31 5.13 -11.24
N SER C 59 5.34 4.26 -11.44
CA SER C 59 5.58 2.99 -12.08
C SER C 59 6.11 3.09 -13.48
N ASP C 60 5.70 4.10 -14.23
CA ASP C 60 6.20 4.23 -15.59
C ASP C 60 7.44 5.05 -15.70
N GLY C 61 8.04 5.39 -14.58
CA GLY C 61 9.26 6.15 -14.61
C GLY C 61 9.22 7.56 -15.14
N THR C 62 8.05 8.14 -15.25
CA THR C 62 7.91 9.52 -15.70
C THR C 62 8.15 10.56 -14.62
N GLY C 63 8.41 10.13 -13.41
CA GLY C 63 8.62 11.06 -12.35
C GLY C 63 8.28 10.49 -11.03
N THR C 64 8.14 11.36 -10.06
CA THR C 64 7.86 10.99 -8.71
C THR C 64 6.71 11.72 -8.14
N ILE C 65 6.02 11.09 -7.20
CA ILE C 65 4.86 11.70 -6.56
C ILE C 65 5.13 12.00 -5.10
N TYR C 66 4.94 13.26 -4.72
CA TYR C 66 5.18 13.67 -3.36
C TYR C 66 3.87 13.85 -2.66
N THR C 67 3.77 13.35 -1.45
CA THR C 67 2.57 13.50 -0.66
C THR C 67 2.97 14.06 0.67
N GLU C 68 2.29 15.09 1.13
CA GLU C 68 2.58 15.70 2.40
C GLU C 68 2.17 14.76 3.50
N LEU C 69 2.85 14.80 4.64
CA LEU C 69 2.52 13.92 5.73
C LEU C 69 1.87 14.72 6.85
N GLU C 70 1.27 13.96 7.77
CA GLU C 70 0.69 14.53 8.96
C GLU C 70 1.81 14.76 9.95
N PRO C 71 1.46 15.33 11.10
CA PRO C 71 2.44 15.49 12.17
C PRO C 71 2.71 14.05 12.60
N PRO C 72 3.95 13.70 12.93
CA PRO C 72 4.24 12.30 13.29
C PRO C 72 3.78 11.93 14.70
N CYS C 73 3.73 10.63 14.93
CA CYS C 73 3.50 10.01 16.23
C CYS C 73 4.76 9.28 16.66
N ARG C 74 4.98 9.21 17.97
CA ARG C 74 6.08 8.44 18.53
C ARG C 74 5.53 7.20 19.22
N PHE C 75 6.13 6.05 18.92
CA PHE C 75 5.74 4.79 19.57
C PHE C 75 6.88 4.18 20.40
N LYS C 86 11.17 5.10 16.60
CA LYS C 86 9.75 4.85 16.50
C LYS C 86 8.93 6.11 16.15
N TYR C 87 8.89 6.49 14.86
CA TYR C 87 8.13 7.65 14.38
C TYR C 87 7.25 7.23 13.20
N LEU C 88 5.94 7.47 13.32
CA LEU C 88 4.95 7.00 12.36
C LEU C 88 4.17 8.17 11.78
N TYR C 89 4.19 8.30 10.46
CA TYR C 89 3.56 9.41 9.74
C TYR C 89 2.38 8.90 8.90
N PHE C 90 1.23 9.55 9.03
CA PHE C 90 0.13 9.28 8.11
C PHE C 90 0.22 10.17 6.88
N ILE C 91 -0.44 9.76 5.80
CA ILE C 91 -0.41 10.46 4.50
C ILE C 91 -1.67 11.30 4.37
N LYS C 92 -1.50 12.56 3.99
CA LYS C 92 -2.64 13.43 3.77
C LYS C 92 -2.97 13.67 2.31
N GLY C 93 -2.05 13.40 1.40
CA GLY C 93 -2.32 13.69 0.00
C GLY C 93 -3.02 12.64 -0.82
N LEU C 94 -3.48 11.58 -0.20
CA LEU C 94 -4.12 10.51 -0.93
C LEU C 94 -5.48 10.92 -1.33
N ASN C 95 -5.80 10.72 -2.61
CA ASN C 95 -7.12 11.08 -3.14
C ASN C 95 -7.78 9.86 -3.78
N ASN C 96 -9.08 9.96 -4.01
CA ASN C 96 -9.83 8.87 -4.62
C ASN C 96 -9.16 8.51 -5.94
N LEU C 97 -8.41 9.48 -6.49
CA LEU C 97 -7.72 9.28 -7.75
C LEU C 97 -6.23 8.96 -7.94
N ASN C 98 -5.39 9.64 -7.16
CA ASN C 98 -3.94 9.43 -7.24
C ASN C 98 -3.68 8.11 -6.53
N ARG C 99 -4.68 7.63 -5.79
CA ARG C 99 -4.56 6.37 -5.05
C ARG C 99 -3.94 5.29 -5.92
N GLY C 100 -4.38 5.21 -7.18
CA GLY C 100 -3.86 4.21 -8.10
C GLY C 100 -2.41 4.40 -8.43
N MET C 101 -1.98 5.63 -8.56
CA MET C 101 -0.60 5.89 -8.86
C MET C 101 0.29 5.58 -7.69
N VAL C 102 -0.16 5.85 -6.46
CA VAL C 102 0.70 5.51 -5.34
C VAL C 102 0.65 4.01 -5.07
N LEU C 103 -0.50 3.39 -5.32
CA LEU C 103 -0.59 1.94 -5.23
C LEU C 103 0.39 1.34 -6.27
N GLY C 104 0.29 1.79 -7.50
CA GLY C 104 1.14 1.32 -8.56
C GLY C 104 2.60 1.54 -8.29
N SER C 105 2.92 2.59 -7.57
CA SER C 105 4.31 2.87 -7.26
C SER C 105 4.86 1.86 -6.28
N LEU C 106 4.10 1.59 -5.25
CA LEU C 106 4.55 0.66 -4.23
C LEU C 106 4.73 -0.73 -4.83
N ALA C 107 3.86 -1.08 -5.75
CA ALA C 107 3.96 -2.40 -6.37
C ALA C 107 5.26 -2.54 -7.15
N ALA C 108 5.68 -1.49 -7.86
CA ALA C 108 6.98 -1.50 -8.53
C ALA C 108 8.15 -1.54 -7.53
N THR C 109 7.97 -0.98 -6.36
CA THR C 109 9.04 -0.96 -5.40
C THR C 109 9.36 -2.33 -4.84
N VAL C 110 8.34 -3.14 -4.56
CA VAL C 110 8.59 -4.47 -3.98
C VAL C 110 9.21 -5.41 -5.02
N ARG C 111 8.94 -5.19 -6.30
CA ARG C 111 9.55 -5.96 -7.37
C ARG C 111 10.88 -5.33 -7.81
N ASP D 26 5.88 -9.79 9.66
CA ASP D 26 6.24 -8.38 9.72
C ASP D 26 5.16 -7.49 9.14
N ASN D 27 5.24 -6.20 9.42
CA ASN D 27 4.24 -5.25 8.95
C ASN D 27 4.62 -4.42 7.72
N ALA D 28 5.78 -4.68 7.13
CA ALA D 28 6.22 -3.96 5.97
C ALA D 28 5.55 -4.25 4.65
N LEU D 29 4.81 -3.28 4.12
CA LEU D 29 4.15 -3.39 2.83
C LEU D 29 5.12 -3.17 1.69
N ALA D 30 6.08 -2.27 1.92
CA ALA D 30 7.20 -2.03 1.04
C ALA D 30 8.26 -1.34 1.88
N TYR D 31 9.50 -1.38 1.42
CA TYR D 31 10.61 -0.76 2.13
C TYR D 31 10.94 0.59 1.49
N TYR D 32 11.18 1.53 2.40
CA TYR D 32 11.55 2.89 2.11
C TYR D 32 13.05 2.79 2.03
N ASN D 33 13.60 3.36 0.97
CA ASN D 33 15.03 3.31 0.68
C ASN D 33 15.83 4.56 1.07
N THR D 34 15.23 5.42 1.88
CA THR D 34 15.88 6.65 2.32
C THR D 34 16.92 6.61 3.43
N THR D 35 16.47 6.27 4.64
CA THR D 35 17.36 6.20 5.78
C THR D 35 16.64 5.61 6.98
N LYS D 36 17.42 5.20 7.98
CA LYS D 36 16.89 4.61 9.21
C LYS D 36 16.02 3.37 9.08
N GLY D 37 16.13 2.66 7.96
CA GLY D 37 15.35 1.46 7.73
C GLY D 37 13.84 1.60 7.62
N GLY D 38 13.41 2.48 6.72
CA GLY D 38 12.05 2.96 6.70
C GLY D 38 11.14 2.06 5.88
N ARG D 39 9.93 1.88 6.38
CA ARG D 39 8.96 1.00 5.75
C ARG D 39 7.61 1.69 5.72
N PHE D 40 6.85 1.41 4.69
CA PHE D 40 5.45 1.75 4.65
C PHE D 40 4.66 0.65 5.35
N VAL D 41 3.84 1.03 6.31
CA VAL D 41 2.98 0.09 6.99
C VAL D 41 1.58 0.28 6.46
N LEU D 42 0.78 -0.76 6.61
CA LEU D 42 -0.59 -0.77 6.13
C LEU D 42 -1.47 -1.02 7.33
N ALA D 43 -2.53 -0.24 7.50
CA ALA D 43 -3.44 -0.48 8.61
C ALA D 43 -4.86 -0.48 8.10
N LEU D 44 -5.75 -1.16 8.83
CA LEU D 44 -7.14 -1.23 8.40
C LEU D 44 -7.98 -0.57 9.48
N LEU D 45 -8.90 0.31 9.11
CA LEU D 45 -9.67 0.94 10.17
C LEU D 45 -11.16 0.72 9.93
N SER D 46 -11.72 0.42 11.09
CA SER D 46 -13.15 0.16 11.19
C SER D 46 -13.60 0.53 12.59
N ASP D 47 -14.91 0.65 12.76
CA ASP D 47 -15.71 0.81 13.97
C ASP D 47 -15.48 -0.30 14.98
N LEU D 48 -14.97 -1.44 14.51
CA LEU D 48 -14.81 -2.60 15.35
C LEU D 48 -13.46 -2.75 16.00
N GLN D 49 -13.44 -3.59 17.02
CA GLN D 49 -12.25 -3.88 17.78
C GLN D 49 -12.14 -5.39 17.92
N ASP D 50 -13.08 -6.13 17.32
CA ASP D 50 -12.98 -7.57 17.47
C ASP D 50 -12.25 -8.22 16.31
N LEU D 51 -11.82 -7.45 15.34
CA LEU D 51 -11.15 -7.99 14.17
C LEU D 51 -9.86 -8.72 14.44
N LYS D 52 -9.61 -9.76 13.66
CA LYS D 52 -8.40 -10.52 13.83
C LYS D 52 -7.67 -10.75 12.54
N TRP D 53 -8.36 -10.67 11.40
CA TRP D 53 -7.68 -10.86 10.14
C TRP D 53 -8.31 -9.96 9.09
N ALA D 54 -7.57 -9.77 8.01
CA ALA D 54 -8.04 -9.00 6.87
C ALA D 54 -7.82 -9.84 5.62
N ARG D 55 -8.78 -9.72 4.71
CA ARG D 55 -8.83 -10.40 3.44
C ARG D 55 -8.44 -9.50 2.28
N PHE D 56 -7.73 -10.05 1.31
CA PHE D 56 -7.30 -9.32 0.14
C PHE D 56 -7.48 -10.19 -1.08
N PRO D 57 -8.64 -9.99 -1.81
CA PRO D 57 -8.78 -10.87 -2.98
C PRO D 57 -7.76 -10.57 -4.05
N LYS D 58 -7.17 -11.62 -4.60
CA LYS D 58 -6.16 -11.51 -5.64
C LYS D 58 -6.78 -10.94 -6.92
N SER D 59 -6.07 -10.02 -7.56
CA SER D 59 -6.61 -9.36 -8.74
C SER D 59 -6.77 -10.31 -9.93
N ASP D 60 -6.03 -11.41 -9.94
CA ASP D 60 -6.20 -12.43 -10.97
C ASP D 60 -7.46 -13.27 -10.77
N GLY D 61 -8.05 -13.23 -9.57
CA GLY D 61 -9.08 -14.18 -9.24
C GLY D 61 -8.47 -15.52 -8.91
N THR D 62 -7.19 -15.55 -8.53
CA THR D 62 -6.70 -16.88 -8.20
C THR D 62 -6.89 -17.23 -6.74
N GLY D 63 -7.60 -16.41 -5.98
CA GLY D 63 -7.94 -16.75 -4.61
C GLY D 63 -7.84 -15.48 -3.79
N THR D 64 -7.63 -15.66 -2.50
CA THR D 64 -7.60 -14.57 -1.55
C THR D 64 -6.41 -14.72 -0.61
N ILE D 65 -5.90 -13.61 -0.15
CA ILE D 65 -4.83 -13.65 0.80
C ILE D 65 -5.40 -13.16 2.11
N TYR D 66 -5.11 -13.90 3.17
CA TYR D 66 -5.47 -13.52 4.52
C TYR D 66 -4.21 -13.11 5.27
N THR D 67 -4.30 -12.02 6.03
CA THR D 67 -3.22 -11.68 6.93
C THR D 67 -3.81 -11.30 8.27
N GLU D 68 -3.16 -11.72 9.33
CA GLU D 68 -3.59 -11.44 10.66
C GLU D 68 -3.34 -10.01 11.04
N LEU D 69 -4.18 -9.48 11.90
CA LEU D 69 -4.04 -8.12 12.33
C LEU D 69 -3.42 -8.07 13.68
N GLU D 70 -3.16 -6.88 14.18
CA GLU D 70 -2.54 -6.76 15.51
C GLU D 70 -3.51 -6.16 16.53
N PRO D 71 -3.13 -6.11 17.79
CA PRO D 71 -4.01 -5.51 18.80
C PRO D 71 -4.37 -4.12 18.31
N PRO D 72 -5.65 -3.77 18.23
CA PRO D 72 -6.00 -2.44 17.72
C PRO D 72 -5.56 -1.32 18.66
N CYS D 73 -5.54 -0.12 18.11
CA CYS D 73 -5.33 1.11 18.87
C CYS D 73 -6.61 1.93 18.82
N ARG D 74 -6.90 2.61 19.92
CA ARG D 74 -8.04 3.51 20.02
C ARG D 74 -7.54 4.95 20.06
N PHE D 75 -8.19 5.84 19.31
CA PHE D 75 -7.78 7.24 19.28
C PHE D 75 -8.82 8.19 19.91
N LYS D 86 -12.47 5.68 16.40
CA LYS D 86 -12.53 4.45 15.63
C LYS D 86 -11.47 3.44 16.14
N TYR D 87 -11.29 2.35 15.39
CA TYR D 87 -10.31 1.32 15.75
C TYR D 87 -9.35 1.09 14.59
N LEU D 88 -8.06 1.07 14.88
CA LEU D 88 -7.04 0.87 13.86
C LEU D 88 -6.20 -0.36 14.20
N TYR D 89 -6.08 -1.22 13.21
CA TYR D 89 -5.36 -2.47 13.28
C TYR D 89 -4.22 -2.58 12.29
N PHE D 90 -3.00 -2.69 12.76
CA PHE D 90 -1.90 -2.88 11.83
C PHE D 90 -1.93 -4.30 11.26
N ILE D 91 -1.26 -4.46 10.15
CA ILE D 91 -1.24 -5.72 9.52
C ILE D 91 0.05 -6.46 9.64
N LYS D 92 -0.05 -7.70 10.10
CA LYS D 92 1.05 -8.63 10.13
C LYS D 92 0.92 -9.56 8.93
N GLY D 93 1.87 -10.47 8.80
CA GLY D 93 1.83 -11.39 7.67
C GLY D 93 2.20 -10.85 6.30
N LEU D 94 2.89 -9.72 6.25
CA LEU D 94 3.34 -9.17 4.98
C LEU D 94 4.72 -9.74 4.70
N ASN D 95 4.91 -10.37 3.53
CA ASN D 95 6.19 -10.99 3.20
C ASN D 95 6.46 -10.84 1.71
N ASN D 96 7.66 -11.26 1.32
CA ASN D 96 8.08 -11.10 -0.07
C ASN D 96 7.21 -11.92 -1.03
N LEU D 97 6.42 -12.85 -0.52
CA LEU D 97 5.56 -13.67 -1.35
C LEU D 97 4.19 -13.05 -1.59
N ASN D 98 3.73 -12.14 -0.73
CA ASN D 98 2.37 -11.62 -0.88
C ASN D 98 2.22 -10.11 -0.97
N ARG D 99 3.31 -9.36 -0.82
CA ARG D 99 3.25 -7.90 -0.91
C ARG D 99 2.62 -7.43 -2.22
N GLY D 100 3.09 -7.98 -3.35
CA GLY D 100 2.59 -7.62 -4.66
C GLY D 100 1.13 -7.97 -4.85
N MET D 101 0.71 -9.10 -4.27
CA MET D 101 -0.68 -9.53 -4.39
C MET D 101 -1.61 -8.65 -3.56
N VAL D 102 -1.18 -8.25 -2.37
CA VAL D 102 -2.00 -7.34 -1.56
C VAL D 102 -2.07 -5.96 -2.21
N LEU D 103 -0.94 -5.48 -2.75
CA LEU D 103 -0.96 -4.22 -3.49
C LEU D 103 -1.89 -4.33 -4.70
N GLY D 104 -1.73 -5.39 -5.48
CA GLY D 104 -2.64 -5.62 -6.60
C GLY D 104 -4.09 -5.82 -6.18
N SER D 105 -4.32 -6.25 -4.94
CA SER D 105 -5.67 -6.36 -4.42
C SER D 105 -6.24 -4.99 -4.08
N LEU D 106 -5.43 -4.13 -3.48
CA LEU D 106 -5.98 -2.81 -3.20
C LEU D 106 -6.03 -1.95 -4.45
N ALA D 107 -5.22 -2.25 -5.47
CA ALA D 107 -5.30 -1.50 -6.73
C ALA D 107 -6.63 -1.73 -7.42
N ALA D 108 -7.15 -2.96 -7.38
CA ALA D 108 -8.45 -3.24 -7.95
C ALA D 108 -9.55 -2.46 -7.22
N THR D 109 -9.36 -2.20 -5.92
CA THR D 109 -10.35 -1.45 -5.13
C THR D 109 -10.42 0.04 -5.47
#